data_1A53
#
_entry.id   1A53
#
_cell.length_a   57.900
_cell.length_b   73.800
_cell.length_c   104.200
_cell.angle_alpha   90.00
_cell.angle_beta   90.00
_cell.angle_gamma   90.00
#
_symmetry.space_group_name_H-M   'P 21 21 21'
#
loop_
_entity.id
_entity.type
_entity.pdbx_description
1 polymer 'INDOLE-3-GLYCEROLPHOSPHATE SYNTHASE'
2 non-polymer 'INDOLE-3-GLYCEROL PHOSPHATE'
3 water water
#
_entity_poly.entity_id   1
_entity_poly.type   'polypeptide(L)'
_entity_poly.pdbx_seq_one_letter_code
;PRYLKGWLKDVVQLSLRRPSFRASRQRPIISLNERILEFNKRNITAIIAEYKRKSPSGLDVERDPIEYSKFMERYAVGLS
ILTEEKYFNGSYETLRKIASSVSIPILMKDFIVKESQIDDAYNLGADTVLLIVKILTERELESLLEYARSYGMEPLIEIN
DENDLDIALRIGARFIGINSRDLETLEINKENQRKLISMIPSNVVKVAESGISERNEIEELRKLGVNAFLIGSSLMRNPE
KIKEFIL
;
_entity_poly.pdbx_strand_id   A
#
loop_
_chem_comp.id
_chem_comp.type
_chem_comp.name
_chem_comp.formula
IGP non-polymer 'INDOLE-3-GLYCEROL PHOSPHATE' 'C11 H14 N O6 P'
#
# COMPACT_ATOMS: atom_id res chain seq x y z
N PRO A 1 -0.82 18.22 -8.52
CA PRO A 1 0.09 17.07 -8.72
C PRO A 1 1.31 17.52 -9.52
N ARG A 2 2.23 16.60 -9.78
CA ARG A 2 3.42 16.92 -10.54
C ARG A 2 3.11 16.84 -12.01
N TYR A 3 4.05 17.31 -12.82
CA TYR A 3 3.90 17.23 -14.27
C TYR A 3 3.95 15.73 -14.53
N LEU A 4 2.96 15.19 -15.23
CA LEU A 4 2.91 13.75 -15.52
C LEU A 4 2.55 13.49 -16.98
N LYS A 5 2.97 12.34 -17.49
CA LYS A 5 2.71 11.92 -18.88
C LYS A 5 2.08 10.52 -18.83
N GLY A 6 1.55 10.07 -19.96
CA GLY A 6 0.99 8.73 -20.04
C GLY A 6 -0.14 8.34 -19.11
N TRP A 7 -0.24 7.06 -18.80
CA TRP A 7 -1.30 6.54 -17.96
C TRP A 7 -1.37 7.17 -16.56
N LEU A 8 -0.23 7.61 -16.02
CA LEU A 8 -0.20 8.24 -14.70
C LEU A 8 -0.92 9.57 -14.74
N LYS A 9 -0.75 10.30 -15.83
CA LYS A 9 -1.41 11.59 -16.00
C LYS A 9 -2.92 11.32 -16.02
N ASP A 10 -3.31 10.23 -16.69
CA ASP A 10 -4.72 9.90 -16.82
C ASP A 10 -5.38 9.46 -15.52
N VAL A 11 -4.71 8.56 -14.78
CA VAL A 11 -5.27 8.10 -13.53
C VAL A 11 -5.35 9.26 -12.52
N VAL A 12 -4.37 10.16 -12.55
CA VAL A 12 -4.38 11.30 -11.65
C VAL A 12 -5.57 12.22 -11.99
N GLN A 13 -5.85 12.41 -13.27
CA GLN A 13 -7.00 13.22 -13.66
C GLN A 13 -8.29 12.57 -13.14
N LEU A 14 -8.40 11.25 -13.22
CA LEU A 14 -9.57 10.55 -12.72
C LEU A 14 -9.73 10.76 -11.22
N SER A 15 -8.61 10.75 -10.50
CA SER A 15 -8.62 10.92 -9.06
C SER A 15 -9.06 12.31 -8.65
N LEU A 16 -8.64 13.32 -9.42
CA LEU A 16 -9.00 14.70 -9.13
C LEU A 16 -10.50 14.88 -9.15
N ARG A 17 -11.17 14.16 -10.02
CA ARG A 17 -12.61 14.26 -10.09
C ARG A 17 -13.34 13.11 -9.42
N ARG A 18 -12.67 12.38 -8.54
CA ARG A 18 -13.29 11.24 -7.85
C ARG A 18 -14.34 11.77 -6.86
N PRO A 19 -15.60 11.36 -7.00
CA PRO A 19 -16.68 11.79 -6.10
C PRO A 19 -16.44 11.27 -4.69
N SER A 20 -16.72 12.07 -3.67
CA SER A 20 -16.53 11.63 -2.29
C SER A 20 -17.62 10.65 -1.84
N PHE A 21 -17.29 9.84 -0.84
CA PHE A 21 -18.21 8.85 -0.32
C PHE A 21 -18.55 9.20 1.12
N ARG A 22 -19.83 9.39 1.38
CA ARG A 22 -20.34 9.74 2.70
C ARG A 22 -20.84 8.47 3.40
N ALA A 23 -20.30 8.18 4.59
CA ALA A 23 -20.70 7.02 5.35
C ALA A 23 -20.26 7.25 6.79
N SER A 24 -20.87 6.52 7.72
CA SER A 24 -20.53 6.61 9.12
C SER A 24 -19.47 5.55 9.36
N ARG A 25 -18.45 5.87 10.15
CA ARG A 25 -17.42 4.90 10.45
C ARG A 25 -17.69 4.27 11.80
N GLN A 26 -17.73 2.95 11.78
CA GLN A 26 -17.98 2.09 12.93
C GLN A 26 -16.73 1.77 13.76
N ARG A 27 -15.83 0.96 13.20
CA ARG A 27 -14.62 0.54 13.90
C ARG A 27 -13.56 1.58 14.00
N PRO A 28 -12.90 1.69 15.17
CA PRO A 28 -11.82 2.66 15.36
C PRO A 28 -10.65 2.27 14.45
N ILE A 29 -9.66 3.14 14.34
CA ILE A 29 -8.51 2.86 13.51
C ILE A 29 -7.58 1.85 14.19
N ILE A 30 -7.08 0.89 13.40
CA ILE A 30 -6.16 -0.14 13.87
C ILE A 30 -4.90 0.18 13.09
N SER A 31 -3.87 0.62 13.81
CA SER A 31 -2.61 0.99 13.19
C SER A 31 -1.90 -0.17 12.50
N LEU A 32 -1.62 -0.03 11.21
CA LEU A 32 -0.92 -1.06 10.45
C LEU A 32 0.57 -1.08 10.77
N ASN A 33 1.20 0.10 10.86
CA ASN A 33 2.63 0.17 11.13
C ASN A 33 2.99 -0.35 12.53
N GLU A 34 2.07 -0.19 13.47
CA GLU A 34 2.29 -0.70 14.82
C GLU A 34 2.11 -2.21 14.88
N ARG A 35 1.22 -2.74 14.05
CA ARG A 35 1.01 -4.17 14.04
C ARG A 35 2.23 -4.84 13.38
N ILE A 36 2.82 -4.19 12.37
CA ILE A 36 4.01 -4.70 11.71
C ILE A 36 5.12 -4.82 12.74
N LEU A 37 5.30 -3.77 13.54
CA LEU A 37 6.31 -3.73 14.59
C LEU A 37 6.13 -4.87 15.62
N GLU A 38 4.90 -5.15 16.00
CA GLU A 38 4.69 -6.22 16.96
C GLU A 38 4.90 -7.61 16.33
N PHE A 39 4.66 -7.74 15.03
CA PHE A 39 4.90 -9.02 14.34
C PHE A 39 6.42 -9.18 14.29
N ASN A 40 7.16 -8.09 14.08
CA ASN A 40 8.63 -8.12 14.06
C ASN A 40 9.13 -8.59 15.43
N LYS A 41 8.54 -8.04 16.49
CA LYS A 41 8.90 -8.37 17.86
C LYS A 41 8.64 -9.85 18.16
N ARG A 42 7.52 -10.39 17.69
CA ARG A 42 7.17 -11.79 17.91
C ARG A 42 7.76 -12.69 16.82
N ASN A 43 8.65 -12.14 16.02
CA ASN A 43 9.31 -12.87 14.95
C ASN A 43 8.44 -13.59 13.90
N ILE A 44 7.30 -13.00 13.57
CA ILE A 44 6.39 -13.54 12.57
C ILE A 44 6.59 -12.72 11.30
N THR A 45 6.74 -13.39 10.14
CA THR A 45 6.92 -12.64 8.90
C THR A 45 5.65 -11.79 8.65
N ALA A 46 5.84 -10.50 8.40
CA ALA A 46 4.72 -9.60 8.19
C ALA A 46 4.40 -9.42 6.70
N ILE A 47 3.29 -10.01 6.26
CA ILE A 47 2.87 -9.90 4.86
C ILE A 47 1.58 -9.06 4.78
N ILE A 48 1.59 -8.09 3.88
CA ILE A 48 0.41 -7.27 3.65
C ILE A 48 -0.11 -7.89 2.37
N ALA A 49 -1.21 -8.63 2.46
CA ALA A 49 -1.81 -9.26 1.29
C ALA A 49 -2.66 -8.23 0.56
N GLU A 50 -2.47 -8.14 -0.74
CA GLU A 50 -3.20 -7.20 -1.57
C GLU A 50 -4.23 -7.85 -2.45
N TYR A 51 -5.38 -7.20 -2.56
CA TYR A 51 -6.47 -7.67 -3.42
C TYR A 51 -6.65 -6.72 -4.60
N LYS A 52 -6.53 -7.23 -5.81
CA LYS A 52 -6.76 -6.44 -7.03
C LYS A 52 -7.11 -7.42 -8.13
N ARG A 53 -8.21 -7.15 -8.82
CA ARG A 53 -8.71 -8.00 -9.90
C ARG A 53 -7.91 -7.90 -11.18
N LYS A 54 -7.44 -6.68 -11.44
CA LYS A 54 -6.72 -6.38 -12.66
C LYS A 54 -5.50 -5.53 -12.34
N SER A 55 -4.59 -5.41 -13.29
CA SER A 55 -3.41 -4.55 -13.11
C SER A 55 -2.96 -4.17 -14.52
N PRO A 56 -2.46 -2.92 -14.70
CA PRO A 56 -2.01 -2.50 -16.04
C PRO A 56 -0.90 -3.37 -16.61
N SER A 57 -0.21 -4.11 -15.74
CA SER A 57 0.86 -4.96 -16.20
C SER A 57 0.36 -6.37 -16.59
N GLY A 58 -0.95 -6.56 -16.75
CA GLY A 58 -1.45 -7.85 -17.17
C GLY A 58 -2.34 -8.74 -16.31
N LEU A 59 -2.33 -8.57 -14.99
CA LEU A 59 -3.16 -9.39 -14.10
C LEU A 59 -4.66 -9.27 -14.44
N ASP A 60 -5.37 -10.40 -14.38
CA ASP A 60 -6.80 -10.45 -14.62
C ASP A 60 -7.24 -11.75 -13.94
N VAL A 61 -7.76 -11.61 -12.73
CA VAL A 61 -8.19 -12.75 -11.93
C VAL A 61 -9.58 -12.51 -11.33
N GLU A 62 -10.43 -13.52 -11.33
CA GLU A 62 -11.75 -13.43 -10.72
C GLU A 62 -11.64 -14.23 -9.42
N ARG A 63 -11.77 -13.56 -8.28
CA ARG A 63 -11.68 -14.21 -6.98
C ARG A 63 -12.52 -13.38 -6.02
N ASP A 64 -13.33 -14.03 -5.20
CA ASP A 64 -14.19 -13.30 -4.29
C ASP A 64 -13.40 -12.50 -3.26
N PRO A 65 -13.63 -11.17 -3.21
CA PRO A 65 -12.92 -10.30 -2.26
C PRO A 65 -13.12 -10.67 -0.80
N ILE A 66 -14.34 -11.02 -0.41
CA ILE A 66 -14.62 -11.38 0.97
C ILE A 66 -13.93 -12.68 1.40
N GLU A 67 -14.06 -13.71 0.58
CA GLU A 67 -13.44 -15.00 0.89
C GLU A 67 -11.92 -14.88 0.93
N TYR A 68 -11.36 -14.18 -0.06
CA TYR A 68 -9.92 -13.95 -0.13
C TYR A 68 -9.41 -13.25 1.14
N SER A 69 -10.11 -12.19 1.55
CA SER A 69 -9.75 -11.42 2.75
C SER A 69 -9.85 -12.21 4.02
N LYS A 70 -10.93 -12.97 4.18
CA LYS A 70 -11.15 -13.80 5.36
C LYS A 70 -10.08 -14.89 5.46
N PHE A 71 -9.64 -15.40 4.32
CA PHE A 71 -8.59 -16.42 4.29
C PHE A 71 -7.24 -15.78 4.70
N MET A 72 -6.92 -14.66 4.03
CA MET A 72 -5.68 -13.92 4.31
C MET A 72 -5.64 -13.44 5.74
N GLU A 73 -6.81 -13.18 6.32
CA GLU A 73 -6.90 -12.71 7.69
C GLU A 73 -6.22 -13.64 8.69
N ARG A 74 -6.19 -14.94 8.40
CA ARG A 74 -5.56 -15.90 9.30
C ARG A 74 -4.04 -15.72 9.38
N TYR A 75 -3.44 -15.21 8.30
CA TYR A 75 -1.98 -15.07 8.20
C TYR A 75 -1.37 -13.69 8.08
N ALA A 76 -2.00 -12.81 7.31
CA ALA A 76 -1.49 -11.47 7.02
C ALA A 76 -1.46 -10.45 8.16
N VAL A 77 -0.48 -9.56 8.12
CA VAL A 77 -0.38 -8.51 9.13
C VAL A 77 -1.45 -7.44 8.82
N GLY A 78 -1.84 -7.36 7.54
CA GLY A 78 -2.84 -6.40 7.11
C GLY A 78 -3.19 -6.67 5.66
N LEU A 79 -4.16 -5.95 5.13
CA LEU A 79 -4.60 -6.10 3.74
C LEU A 79 -4.44 -4.79 3.00
N SER A 80 -4.20 -4.88 1.71
CA SER A 80 -4.10 -3.70 0.87
C SER A 80 -5.22 -3.88 -0.16
N ILE A 81 -6.13 -2.91 -0.28
CA ILE A 81 -7.24 -3.03 -1.23
C ILE A 81 -7.17 -1.94 -2.30
N LEU A 82 -7.15 -2.32 -3.57
CA LEU A 82 -7.14 -1.33 -4.65
C LEU A 82 -8.53 -0.73 -4.80
N THR A 83 -8.63 0.59 -4.85
CA THR A 83 -9.92 1.22 -5.03
C THR A 83 -9.92 2.02 -6.33
N GLU A 84 -8.81 1.99 -7.04
CA GLU A 84 -8.69 2.70 -8.31
C GLU A 84 -9.57 1.91 -9.27
N GLU A 85 -10.47 2.62 -9.95
CA GLU A 85 -11.43 1.98 -10.84
C GLU A 85 -11.10 1.59 -12.27
N LYS A 86 -10.44 2.46 -13.01
CA LYS A 86 -10.18 2.20 -14.43
C LYS A 86 -9.10 1.19 -14.80
N TYR A 87 -7.98 1.21 -14.10
CA TYR A 87 -6.88 0.30 -14.42
C TYR A 87 -6.80 -0.91 -13.51
N PHE A 88 -7.31 -0.77 -12.28
CA PHE A 88 -7.25 -1.87 -11.34
C PHE A 88 -8.58 -2.51 -11.06
N ASN A 89 -9.64 -1.96 -11.64
CA ASN A 89 -10.95 -2.54 -11.43
C ASN A 89 -11.37 -2.61 -9.97
N GLY A 90 -10.92 -1.65 -9.16
CA GLY A 90 -11.29 -1.64 -7.76
C GLY A 90 -12.49 -0.73 -7.56
N SER A 91 -12.95 -0.60 -6.33
CA SER A 91 -14.07 0.27 -6.03
C SER A 91 -14.16 0.52 -4.55
N TYR A 92 -14.83 1.61 -4.17
CA TYR A 92 -15.04 1.93 -2.76
C TYR A 92 -15.94 0.89 -2.11
N GLU A 93 -16.89 0.36 -2.88
CA GLU A 93 -17.83 -0.65 -2.37
C GLU A 93 -17.08 -1.89 -1.89
N THR A 94 -16.06 -2.30 -2.64
CA THR A 94 -15.28 -3.46 -2.27
C THR A 94 -14.54 -3.22 -0.95
N LEU A 95 -13.91 -2.05 -0.81
CA LEU A 95 -13.19 -1.71 0.42
C LEU A 95 -14.17 -1.74 1.58
N ARG A 96 -15.35 -1.16 1.37
CA ARG A 96 -16.37 -1.13 2.42
C ARG A 96 -16.81 -2.53 2.89
N LYS A 97 -17.09 -3.44 1.95
CA LYS A 97 -17.50 -4.79 2.29
C LYS A 97 -16.38 -5.53 3.02
N ILE A 98 -15.14 -5.40 2.56
CA ILE A 98 -14.03 -6.07 3.21
C ILE A 98 -13.80 -5.53 4.63
N ALA A 99 -13.79 -4.21 4.79
CA ALA A 99 -13.58 -3.58 6.10
C ALA A 99 -14.61 -4.04 7.13
N SER A 100 -15.82 -4.35 6.69
CA SER A 100 -16.85 -4.82 7.61
C SER A 100 -16.68 -6.32 7.94
N SER A 101 -15.92 -7.05 7.13
CA SER A 101 -15.72 -8.49 7.33
C SER A 101 -14.46 -8.95 8.05
N VAL A 102 -13.42 -8.12 8.10
CA VAL A 102 -12.19 -8.53 8.77
C VAL A 102 -11.84 -7.55 9.86
N SER A 103 -10.98 -7.97 10.78
CA SER A 103 -10.56 -7.11 11.86
C SER A 103 -9.04 -6.85 11.89
N ILE A 104 -8.37 -7.01 10.75
CA ILE A 104 -6.94 -6.71 10.70
C ILE A 104 -6.83 -5.35 9.99
N PRO A 105 -5.68 -4.66 10.11
CA PRO A 105 -5.55 -3.36 9.45
C PRO A 105 -5.72 -3.40 7.93
N ILE A 106 -6.33 -2.35 7.38
CA ILE A 106 -6.57 -2.21 5.95
C ILE A 106 -5.92 -0.95 5.38
N LEU A 107 -5.15 -1.12 4.31
CA LEU A 107 -4.51 -0.01 3.65
C LEU A 107 -5.35 0.20 2.39
N MET A 108 -5.76 1.44 2.15
CA MET A 108 -6.51 1.74 0.94
C MET A 108 -5.46 2.12 -0.09
N LYS A 109 -5.41 1.39 -1.20
CA LYS A 109 -4.44 1.68 -2.23
C LYS A 109 -5.11 2.33 -3.45
N ASP A 110 -4.73 3.57 -3.73
CA ASP A 110 -5.28 4.35 -4.83
C ASP A 110 -4.26 5.45 -5.15
N PHE A 111 -4.61 6.41 -6.01
CA PHE A 111 -3.71 7.51 -6.35
C PHE A 111 -4.32 8.74 -5.69
N ILE A 112 -3.95 8.94 -4.44
CA ILE A 112 -4.44 10.04 -3.64
C ILE A 112 -3.78 11.39 -3.92
N VAL A 113 -4.58 12.32 -4.44
CA VAL A 113 -4.14 13.68 -4.80
C VAL A 113 -4.97 14.79 -4.15
N LYS A 114 -6.00 14.43 -3.39
CA LYS A 114 -6.83 15.44 -2.75
C LYS A 114 -7.33 14.92 -1.42
N GLU A 115 -7.60 15.85 -0.50
CA GLU A 115 -8.08 15.50 0.84
C GLU A 115 -9.35 14.67 0.92
N SER A 116 -10.30 14.89 0.02
CA SER A 116 -11.54 14.13 0.08
C SER A 116 -11.29 12.63 -0.03
N GLN A 117 -10.25 12.23 -0.76
CA GLN A 117 -9.93 10.80 -0.88
C GLN A 117 -9.55 10.21 0.46
N ILE A 118 -8.89 11.00 1.31
CA ILE A 118 -8.53 10.51 2.63
C ILE A 118 -9.80 10.45 3.47
N ASP A 119 -10.71 11.40 3.24
CA ASP A 119 -11.99 11.39 3.95
C ASP A 119 -12.70 10.08 3.56
N ASP A 120 -12.64 9.76 2.27
CA ASP A 120 -13.25 8.54 1.76
C ASP A 120 -12.65 7.32 2.47
N ALA A 121 -11.32 7.24 2.52
CA ALA A 121 -10.64 6.12 3.18
C ALA A 121 -11.14 5.96 4.60
N TYR A 122 -11.18 7.06 5.33
CA TYR A 122 -11.64 7.00 6.71
C TYR A 122 -13.10 6.54 6.83
N ASN A 123 -13.98 7.13 6.04
CA ASN A 123 -15.40 6.79 6.10
C ASN A 123 -15.71 5.37 5.63
N LEU A 124 -14.89 4.85 4.72
CA LEU A 124 -15.06 3.49 4.18
C LEU A 124 -14.61 2.40 5.14
N GLY A 125 -13.72 2.75 6.09
CA GLY A 125 -13.22 1.78 7.04
C GLY A 125 -11.73 1.46 6.93
N ALA A 126 -11.02 2.15 6.03
CA ALA A 126 -9.58 1.92 5.88
C ALA A 126 -8.85 2.43 7.13
N ASP A 127 -7.71 1.83 7.42
CA ASP A 127 -6.91 2.24 8.57
C ASP A 127 -5.75 3.13 8.21
N THR A 128 -5.37 3.13 6.93
CA THR A 128 -4.32 4.00 6.44
C THR A 128 -4.41 4.09 4.93
N VAL A 129 -3.62 4.97 4.34
CA VAL A 129 -3.62 5.19 2.90
C VAL A 129 -2.20 5.25 2.37
N LEU A 130 -2.08 5.11 1.06
CA LEU A 130 -0.81 5.18 0.38
C LEU A 130 -0.69 6.59 -0.21
N LEU A 131 0.48 7.20 -0.08
CA LEU A 131 0.76 8.48 -0.68
C LEU A 131 1.98 8.17 -1.54
N ILE A 132 1.95 8.56 -2.81
CA ILE A 132 3.03 8.31 -3.76
C ILE A 132 3.82 9.58 -4.04
N VAL A 133 5.08 9.60 -3.58
CA VAL A 133 5.90 10.77 -3.74
C VAL A 133 6.05 11.19 -5.19
N LYS A 134 6.13 10.23 -6.11
CA LYS A 134 6.34 10.62 -7.49
C LYS A 134 5.21 11.32 -8.24
N ILE A 135 3.99 11.34 -7.70
CA ILE A 135 2.92 12.07 -8.40
C ILE A 135 2.56 13.38 -7.71
N LEU A 136 3.07 13.59 -6.50
CA LEU A 136 2.75 14.78 -5.72
C LEU A 136 3.93 15.72 -5.57
N THR A 137 3.65 17.00 -5.40
CA THR A 137 4.71 17.98 -5.16
C THR A 137 5.01 17.89 -3.64
N GLU A 138 6.13 18.44 -3.19
CA GLU A 138 6.48 18.38 -1.78
C GLU A 138 5.44 19.07 -0.87
N ARG A 139 4.90 20.20 -1.32
CA ARG A 139 3.89 20.90 -0.51
C ARG A 139 2.61 20.03 -0.37
N GLU A 140 2.19 19.42 -1.48
CA GLU A 140 0.99 18.56 -1.48
C GLU A 140 1.19 17.35 -0.55
N LEU A 141 2.35 16.71 -0.65
CA LEU A 141 2.69 15.54 0.15
C LEU A 141 2.66 15.86 1.65
N GLU A 142 3.25 17.00 2.02
CA GLU A 142 3.26 17.44 3.40
C GLU A 142 1.85 17.72 3.93
N SER A 143 0.99 18.32 3.11
CA SER A 143 -0.38 18.64 3.53
C SER A 143 -1.18 17.37 3.74
N LEU A 144 -1.11 16.47 2.75
CA LEU A 144 -1.83 15.20 2.79
C LEU A 144 -1.35 14.36 3.96
N LEU A 145 -0.05 14.36 4.23
CA LEU A 145 0.51 13.60 5.35
C LEU A 145 -0.11 14.15 6.62
N GLU A 146 -0.09 15.48 6.77
CA GLU A 146 -0.65 16.09 7.97
C GLU A 146 -2.14 15.80 8.08
N TYR A 147 -2.84 15.82 6.95
CA TYR A 147 -4.27 15.55 6.91
C TYR A 147 -4.59 14.11 7.34
N ALA A 148 -3.87 13.13 6.81
CA ALA A 148 -4.11 11.74 7.18
C ALA A 148 -3.88 11.57 8.69
N ARG A 149 -2.84 12.22 9.21
CA ARG A 149 -2.53 12.12 10.63
C ARG A 149 -3.63 12.69 11.54
N SER A 150 -4.42 13.63 11.02
CA SER A 150 -5.50 14.21 11.83
C SER A 150 -6.62 13.19 12.08
N TYR A 151 -6.63 12.11 11.31
CA TYR A 151 -7.61 11.05 11.48
C TYR A 151 -6.92 9.93 12.25
N GLY A 152 -5.71 10.19 12.73
CA GLY A 152 -4.95 9.20 13.46
C GLY A 152 -4.31 8.12 12.58
N MET A 153 -4.15 8.40 11.29
CA MET A 153 -3.54 7.44 10.37
C MET A 153 -2.09 7.80 10.12
N GLU A 154 -1.23 6.79 9.96
CA GLU A 154 0.16 7.05 9.60
C GLU A 154 0.20 6.48 8.20
N PRO A 155 0.19 7.34 7.18
CA PRO A 155 0.22 6.82 5.82
C PRO A 155 1.50 6.15 5.40
N LEU A 156 1.39 5.23 4.43
CA LEU A 156 2.54 4.55 3.89
C LEU A 156 2.99 5.46 2.75
N ILE A 157 4.21 5.97 2.83
CA ILE A 157 4.72 6.87 1.82
C ILE A 157 5.65 6.10 0.90
N GLU A 158 5.26 6.01 -0.36
CA GLU A 158 5.98 5.25 -1.35
C GLU A 158 7.04 5.99 -2.14
N ILE A 159 8.25 5.41 -2.16
CA ILE A 159 9.38 5.97 -2.88
C ILE A 159 9.82 4.96 -3.96
N ASN A 160 10.44 5.47 -5.01
CA ASN A 160 10.91 4.63 -6.10
C ASN A 160 12.34 5.01 -6.48
N ASP A 161 12.81 6.15 -5.99
CA ASP A 161 14.18 6.60 -6.28
C ASP A 161 14.74 7.45 -5.16
N GLU A 162 15.99 7.90 -5.31
CA GLU A 162 16.64 8.70 -4.29
C GLU A 162 16.03 10.05 -4.03
N ASN A 163 15.53 10.70 -5.07
CA ASN A 163 14.91 12.00 -4.88
C ASN A 163 13.64 11.82 -4.06
N ASP A 164 12.90 10.73 -4.30
CA ASP A 164 11.67 10.44 -3.54
C ASP A 164 12.00 10.31 -2.06
N LEU A 165 13.09 9.60 -1.77
CA LEU A 165 13.53 9.36 -0.39
C LEU A 165 13.94 10.64 0.35
N ASP A 166 14.62 11.55 -0.33
CA ASP A 166 15.05 12.83 0.26
C ASP A 166 13.79 13.57 0.69
N ILE A 167 12.81 13.65 -0.19
CA ILE A 167 11.55 14.33 0.12
C ILE A 167 10.85 13.64 1.29
N ALA A 168 10.71 12.32 1.19
CA ALA A 168 10.06 11.55 2.24
C ALA A 168 10.69 11.79 3.59
N LEU A 169 12.01 11.81 3.62
CA LEU A 169 12.74 12.03 4.86
C LEU A 169 12.55 13.47 5.35
N ARG A 170 12.61 14.42 4.43
CA ARG A 170 12.45 15.85 4.75
C ARG A 170 11.09 16.14 5.39
N ILE A 171 10.02 15.54 4.86
CA ILE A 171 8.68 15.76 5.41
C ILE A 171 8.37 14.92 6.65
N GLY A 172 9.33 14.14 7.12
CA GLY A 172 9.13 13.35 8.32
C GLY A 172 8.32 12.06 8.23
N ALA A 173 8.45 11.32 7.13
CA ALA A 173 7.75 10.05 6.95
C ALA A 173 8.27 9.01 7.94
N ARG A 174 7.38 8.24 8.56
CA ARG A 174 7.76 7.21 9.52
C ARG A 174 7.48 5.79 9.01
N PHE A 175 6.74 5.71 7.91
CA PHE A 175 6.26 4.45 7.32
C PHE A 175 6.50 4.57 5.82
N ILE A 176 7.53 3.91 5.32
CA ILE A 176 7.89 4.00 3.91
C ILE A 176 7.77 2.70 3.12
N GLY A 177 7.28 2.82 1.89
CA GLY A 177 7.13 1.68 1.00
C GLY A 177 8.16 1.86 -0.09
N ILE A 178 8.97 0.83 -0.34
CA ILE A 178 9.97 0.93 -1.38
C ILE A 178 9.45 0.09 -2.52
N ASN A 179 9.01 0.76 -3.59
CA ASN A 179 8.43 0.10 -4.74
C ASN A 179 9.48 -0.24 -5.81
N SER A 180 9.67 -1.53 -6.06
CA SER A 180 10.66 -1.96 -7.06
C SER A 180 10.17 -1.69 -8.45
N ARG A 181 8.87 -1.41 -8.60
CA ARG A 181 8.33 -1.14 -9.91
C ARG A 181 8.10 0.35 -10.13
N ASP A 182 8.63 0.83 -11.25
CA ASP A 182 8.47 2.22 -11.65
C ASP A 182 7.04 2.35 -12.19
N LEU A 183 6.20 3.13 -11.51
CA LEU A 183 4.82 3.30 -11.91
C LEU A 183 4.66 3.86 -13.32
N GLU A 184 5.61 4.67 -13.75
CA GLU A 184 5.54 5.28 -15.07
C GLU A 184 5.87 4.33 -16.22
N THR A 185 6.92 3.52 -16.08
CA THR A 185 7.33 2.60 -17.14
C THR A 185 6.91 1.15 -16.91
N LEU A 186 6.43 0.87 -15.70
CA LEU A 186 6.02 -0.47 -15.27
C LEU A 186 7.20 -1.44 -15.20
N GLU A 187 8.42 -0.89 -15.26
CA GLU A 187 9.66 -1.67 -15.18
C GLU A 187 10.06 -1.92 -13.74
N ILE A 188 10.45 -3.16 -13.44
CA ILE A 188 10.91 -3.55 -12.12
C ILE A 188 12.44 -3.48 -12.08
N ASN A 189 12.97 -3.11 -10.93
CA ASN A 189 14.41 -3.01 -10.74
C ASN A 189 14.70 -3.36 -9.29
N LYS A 190 14.96 -4.64 -9.04
CA LYS A 190 15.23 -5.18 -7.71
C LYS A 190 16.47 -4.55 -7.09
N GLU A 191 17.46 -4.26 -7.92
CA GLU A 191 18.71 -3.69 -7.44
C GLU A 191 18.57 -2.26 -6.90
N ASN A 192 17.87 -1.42 -7.63
CA ASN A 192 17.66 -0.04 -7.16
C ASN A 192 16.88 -0.09 -5.82
N GLN A 193 15.92 -1.00 -5.73
CA GLN A 193 15.14 -1.15 -4.51
C GLN A 193 16.07 -1.47 -3.33
N ARG A 194 17.00 -2.41 -3.52
CA ARG A 194 17.93 -2.80 -2.45
C ARG A 194 18.81 -1.66 -1.99
N LYS A 195 19.26 -0.84 -2.94
CA LYS A 195 20.09 0.31 -2.65
C LYS A 195 19.31 1.31 -1.76
N LEU A 196 18.06 1.60 -2.16
CA LEU A 196 17.20 2.50 -1.40
C LEU A 196 16.91 2.00 0.01
N ILE A 197 16.61 0.71 0.12
CA ILE A 197 16.32 0.12 1.44
C ILE A 197 17.51 0.35 2.39
N SER A 198 18.72 0.24 1.86
CA SER A 198 19.94 0.40 2.64
C SER A 198 20.24 1.82 3.07
N MET A 199 19.58 2.80 2.46
CA MET A 199 19.78 4.21 2.80
C MET A 199 18.81 4.70 3.87
N ILE A 200 17.75 3.94 4.13
CA ILE A 200 16.71 4.35 5.07
C ILE A 200 17.05 4.26 6.56
N PRO A 201 16.72 5.32 7.35
CA PRO A 201 17.00 5.34 8.80
C PRO A 201 16.37 4.11 9.45
N SER A 202 17.10 3.51 10.38
CA SER A 202 16.64 2.31 11.04
C SER A 202 15.33 2.45 11.83
N ASN A 203 14.94 3.68 12.17
CA ASN A 203 13.71 3.90 12.93
C ASN A 203 12.45 4.05 12.07
N VAL A 204 12.58 3.91 10.75
CA VAL A 204 11.46 4.02 9.84
C VAL A 204 10.98 2.60 9.52
N VAL A 205 9.66 2.36 9.59
CA VAL A 205 9.12 1.05 9.26
C VAL A 205 9.16 0.96 7.74
N LYS A 206 9.86 -0.04 7.22
CA LYS A 206 10.04 -0.24 5.79
C LYS A 206 9.19 -1.37 5.22
N VAL A 207 8.51 -1.11 4.11
CA VAL A 207 7.68 -2.12 3.45
C VAL A 207 8.17 -2.31 2.03
N ALA A 208 8.56 -3.53 1.67
CA ALA A 208 9.02 -3.83 0.31
C ALA A 208 7.78 -4.05 -0.56
N GLU A 209 7.74 -3.42 -1.72
CA GLU A 209 6.60 -3.58 -2.63
C GLU A 209 6.94 -4.00 -4.03
N SER A 210 6.08 -4.85 -4.57
CA SER A 210 6.11 -5.33 -5.95
C SER A 210 7.03 -6.47 -6.35
N GLY A 211 6.51 -7.30 -7.24
CA GLY A 211 7.26 -8.43 -7.80
C GLY A 211 7.77 -9.54 -6.90
N ILE A 212 7.23 -9.67 -5.70
CA ILE A 212 7.67 -10.74 -4.82
C ILE A 212 6.82 -11.97 -5.06
N SER A 213 7.45 -13.10 -5.41
CA SER A 213 6.70 -14.33 -5.62
C SER A 213 7.33 -15.55 -4.97
N GLU A 214 8.54 -15.40 -4.41
CA GLU A 214 9.25 -16.52 -3.79
C GLU A 214 9.64 -16.24 -2.34
N ARG A 215 9.59 -17.29 -1.50
CA ARG A 215 9.96 -17.16 -0.10
C ARG A 215 11.42 -16.72 0.06
N ASN A 216 12.30 -17.13 -0.84
CA ASN A 216 13.71 -16.72 -0.68
C ASN A 216 13.90 -15.23 -0.85
N GLU A 217 13.09 -14.60 -1.69
CA GLU A 217 13.17 -13.15 -1.88
C GLU A 217 12.81 -12.46 -0.56
N ILE A 218 11.81 -13.01 0.12
CA ILE A 218 11.38 -12.47 1.40
C ILE A 218 12.51 -12.58 2.42
N GLU A 219 13.10 -13.78 2.53
CA GLU A 219 14.19 -14.01 3.47
C GLU A 219 15.36 -13.04 3.22
N GLU A 220 15.73 -12.85 1.94
CA GLU A 220 16.81 -11.93 1.57
C GLU A 220 16.49 -10.49 2.00
N LEU A 221 15.32 -10.01 1.60
CA LEU A 221 14.88 -8.65 1.94
C LEU A 221 14.87 -8.43 3.44
N ARG A 222 14.42 -9.43 4.19
CA ARG A 222 14.36 -9.35 5.63
C ARG A 222 15.77 -9.11 6.22
N LYS A 223 16.80 -9.69 5.63
CA LYS A 223 18.16 -9.49 6.13
C LYS A 223 18.67 -8.08 5.82
N LEU A 224 18.03 -7.39 4.87
CA LEU A 224 18.39 -6.02 4.52
C LEU A 224 17.72 -5.01 5.46
N GLY A 225 16.87 -5.52 6.34
CA GLY A 225 16.18 -4.64 7.28
C GLY A 225 14.70 -4.35 6.99
N VAL A 226 14.14 -4.91 5.92
CA VAL A 226 12.73 -4.69 5.58
C VAL A 226 11.84 -5.27 6.68
N ASN A 227 10.85 -4.49 7.11
CA ASN A 227 9.93 -4.90 8.17
C ASN A 227 8.71 -5.68 7.67
N ALA A 228 8.20 -5.34 6.50
CA ALA A 228 7.02 -6.00 5.98
C ALA A 228 7.07 -6.09 4.46
N PHE A 229 6.22 -6.96 3.91
CA PHE A 229 6.21 -7.19 2.48
C PHE A 229 4.79 -7.06 1.92
N LEU A 230 4.63 -6.26 0.87
CA LEU A 230 3.32 -6.08 0.28
C LEU A 230 3.30 -6.95 -0.96
N ILE A 231 2.45 -7.96 -0.95
CA ILE A 231 2.38 -8.92 -2.05
C ILE A 231 0.97 -8.96 -2.62
N GLY A 232 0.86 -8.80 -3.93
CA GLY A 232 -0.43 -8.83 -4.59
C GLY A 232 -0.59 -9.90 -5.65
N SER A 233 0.03 -9.71 -6.82
CA SER A 233 -0.08 -10.64 -7.94
C SER A 233 0.10 -12.12 -7.66
N SER A 234 1.16 -12.49 -6.95
CA SER A 234 1.40 -13.91 -6.68
C SER A 234 0.31 -14.50 -5.77
N LEU A 235 -0.16 -13.71 -4.80
CA LEU A 235 -1.23 -14.19 -3.92
C LEU A 235 -2.60 -14.21 -4.63
N MET A 236 -2.86 -13.30 -5.56
CA MET A 236 -4.15 -13.29 -6.28
C MET A 236 -4.24 -14.52 -7.19
N ARG A 237 -3.12 -14.90 -7.80
CA ARG A 237 -3.04 -16.06 -8.66
C ARG A 237 -3.06 -17.36 -7.84
N ASN A 238 -2.44 -17.33 -6.66
CA ASN A 238 -2.39 -18.50 -5.80
C ASN A 238 -2.41 -18.13 -4.32
N PRO A 239 -3.60 -17.98 -3.74
CA PRO A 239 -3.76 -17.62 -2.32
C PRO A 239 -3.00 -18.54 -1.37
N GLU A 240 -2.88 -19.81 -1.74
CA GLU A 240 -2.21 -20.81 -0.91
C GLU A 240 -0.75 -20.50 -0.63
N LYS A 241 -0.12 -19.76 -1.54
CA LYS A 241 1.29 -19.39 -1.36
C LYS A 241 1.55 -18.66 -0.05
N ILE A 242 0.54 -18.02 0.52
CA ILE A 242 0.73 -17.30 1.78
C ILE A 242 1.30 -18.25 2.85
N LYS A 243 0.95 -19.54 2.77
CA LYS A 243 1.46 -20.52 3.73
C LYS A 243 2.97 -20.74 3.54
N GLU A 244 3.46 -20.68 2.31
CA GLU A 244 4.89 -20.84 2.07
C GLU A 244 5.65 -19.60 2.54
N PHE A 245 5.08 -18.42 2.25
CA PHE A 245 5.69 -17.14 2.60
C PHE A 245 5.91 -16.89 4.09
N ILE A 246 5.02 -17.35 4.96
CA ILE A 246 5.17 -17.09 6.39
C ILE A 246 5.95 -18.15 7.17
N LEU A 247 6.67 -19.01 6.47
CA LEU A 247 7.46 -20.05 7.14
C LEU A 247 8.80 -19.47 7.60
C1 IGP B . 2.00 -5.16 -5.51
P IGP B . 2.69 -7.06 -6.96
OP1 IGP B . 1.38 -7.36 -7.49
OP2 IGP B . 3.75 -7.13 -7.95
OP3 IGP B . 2.91 -7.91 -5.77
OP4 IGP B . 2.65 -5.62 -6.51
C2 IGP B . 1.85 -3.65 -5.29
O2 IGP B . 2.77 -3.23 -4.24
C3 IGP B . 1.84 -2.82 -6.53
O3 IGP B . 0.40 -2.99 -6.55
CG IGP B . 1.86 -1.32 -6.43
CD2 IGP B . 0.89 -0.35 -6.80
CE2 IGP B . 1.30 0.88 -6.18
CE3 IGP B . -0.35 -0.33 -7.53
CD1 IGP B . 2.84 -0.69 -5.73
NE1 IGP B . 2.51 0.65 -5.56
CZ2 IGP B . 0.55 2.09 -6.23
CZ3 IGP B . -1.09 0.86 -7.60
CH2 IGP B . -0.64 2.07 -6.95
#